data_5ICP
#
_entry.id   5ICP
#
_cell.length_a   70.390
_cell.length_b   70.391
_cell.length_c   168.739
_cell.angle_alpha   90.00
_cell.angle_beta   90.00
_cell.angle_gamma   90.00
#
_symmetry.space_group_name_H-M   'P 21 21 21'
#
loop_
_entity.id
_entity.type
_entity.pdbx_description
1 polymer 'Cyclin-dependent kinase 8'
2 polymer Cyclin-C
3 non-polymer [(2S)-2-(4-chlorophenyl)pyrrolidin-1-yl](5-methylimidazo[5,1-b][1,3,4]thiadiazol-2-yl)methanone
4 non-polymer 1,2-ETHANEDIOL
5 non-polymer 'FORMIC ACID'
6 water water
#
loop_
_entity_poly.entity_id
_entity_poly.type
_entity_poly.pdbx_seq_one_letter_code
_entity_poly.pdbx_strand_id
1 'polypeptide(L)'
;DKMDYDFKVKLSSERERVEDLFEYEGCKVGRGTYGHVYKAKRKDGKDDKDYALKQIEGTGISMSACREIALLRELKHPNV
ISLQKVFLSHADRKVWLLFDYAEHDLWHIIKFHRASKANKKPVQLPRGMVKSLLYQILDGIHYLHANWVLHRDLKPANIL
VMGEGPERGRVKIADMGFARLFNSPLKPLADLDPVVVTFWYRAPELLLGARHYTKAIDIWAIGCIFAELLTSEPIFHCRQ
EDIKTSNPYHHDQLDRIFNVMGFPADKDWEDIKKMPEHSTLMKDFRRNTYTNCSLIKYMEKHKVKPDSKAFHLLQKLLTM
DPIKRITSEQAMQDPYFLEDPLPTSDVFAGCQIPYPKREFLTEE
;
A
2 'polypeptide(L)'
;DKAMAGNFWQSSHYLQWILDKQDLLKERQKDLKFLSEEEYWKLQIFFTNVIQALGEHLKLRQQVIATATVYFKRFYARYS
LKSIDPVLMAPTCVFLASKVEEFGVVSNTRLIAAATSVLKTRFSYAFPKEFPYRMNHILECEFYLLELMDCCLIVYHPYR
PLLQYVQDMGQEDMLLPLAWRIVNDTYRTDLCLLYPPFMIALACLHVACVVQQKDARQWFAELSVDMEKILEIIRVILKL
YEQWKNFDERKEMATILSKMPKPKPPP
;
B
#
# COMPACT_ATOMS: atom_id res chain seq x y z
N MET A 3 9.67 19.40 -21.02
CA MET A 3 8.34 19.74 -20.43
C MET A 3 7.82 21.03 -21.04
N ASP A 4 6.52 21.05 -21.37
CA ASP A 4 5.91 22.22 -22.00
C ASP A 4 5.88 23.36 -20.98
N TYR A 5 6.29 24.54 -21.41
CA TYR A 5 6.38 25.70 -20.54
C TYR A 5 5.00 26.17 -20.04
N ASP A 6 4.02 26.22 -20.94
CA ASP A 6 2.65 26.64 -20.59
C ASP A 6 2.04 25.67 -19.57
N PHE A 7 2.22 24.37 -19.82
CA PHE A 7 1.87 23.32 -18.85
C PHE A 7 2.53 23.54 -17.49
N LYS A 8 3.83 23.82 -17.48
CA LYS A 8 4.60 24.05 -16.25
C LYS A 8 4.10 25.24 -15.44
N VAL A 9 3.95 26.40 -16.08
CA VAL A 9 3.49 27.62 -15.38
C VAL A 9 2.05 27.51 -14.91
N LYS A 10 1.18 26.87 -15.70
CA LYS A 10 -0.20 26.58 -15.31
C LYS A 10 -0.25 25.76 -14.00
N LEU A 11 0.46 24.62 -14.00
CA LEU A 11 0.54 23.76 -12.81
C LEU A 11 1.15 24.47 -11.59
N SER A 12 2.20 25.24 -11.82
CA SER A 12 2.80 26.08 -10.77
C SER A 12 1.82 27.12 -10.20
N SER A 13 1.05 27.77 -11.08
CA SER A 13 0.00 28.72 -10.66
C SER A 13 -1.07 28.05 -9.80
N GLU A 14 -1.49 26.87 -10.21
CA GLU A 14 -2.57 26.12 -9.55
C GLU A 14 -2.15 25.30 -8.32
N ARG A 15 -0.86 25.06 -8.13
CA ARG A 15 -0.39 24.12 -7.09
C ARG A 15 -0.68 24.62 -5.68
N GLU A 16 -1.36 23.79 -4.89
CA GLU A 16 -1.57 24.06 -3.46
C GLU A 16 -0.27 23.75 -2.73
N ARG A 17 0.21 24.73 -1.97
CA ARG A 17 1.47 24.64 -1.25
C ARG A 17 1.19 24.60 0.24
N VAL A 18 1.83 23.67 0.95
CA VAL A 18 1.58 23.44 2.37
C VAL A 18 1.79 24.70 3.23
N GLU A 19 2.87 25.45 2.95
CA GLU A 19 3.17 26.69 3.69
C GLU A 19 2.14 27.82 3.47
N ASP A 20 1.44 27.80 2.33
CA ASP A 20 0.39 28.79 2.05
C ASP A 20 -0.97 28.36 2.62
N LEU A 21 -1.23 27.06 2.70
CA LEU A 21 -2.52 26.53 3.19
C LEU A 21 -2.59 26.39 4.72
N PHE A 22 -1.46 26.09 5.36
CA PHE A 22 -1.46 25.72 6.78
C PHE A 22 -0.50 26.53 7.62
N GLU A 23 -0.96 26.88 8.83
CA GLU A 23 -0.11 27.46 9.88
C GLU A 23 0.38 26.32 10.75
N TYR A 24 1.68 26.07 10.71
CA TYR A 24 2.31 25.01 11.53
C TYR A 24 3.70 25.39 12.07
N GLU A 25 4.07 26.65 11.92
CA GLU A 25 5.40 27.14 12.28
C GLU A 25 5.52 27.11 13.80
N GLY A 26 6.50 26.36 14.31
CA GLY A 26 6.73 26.21 15.74
C GLY A 26 5.79 25.22 16.40
N CYS A 27 5.02 24.48 15.61
CA CYS A 27 3.99 23.59 16.15
C CYS A 27 4.34 22.12 15.94
N LYS A 28 5.64 21.81 15.89
CA LYS A 28 6.10 20.42 15.76
C LYS A 28 5.79 19.65 17.05
N VAL A 29 5.07 18.54 16.91
CA VAL A 29 4.73 17.65 18.03
C VAL A 29 5.53 16.34 18.06
N GLY A 30 6.15 15.97 16.93
CA GLY A 30 7.00 14.78 16.90
C GLY A 30 8.09 14.83 15.82
N ARG A 31 9.19 14.15 16.11
CA ARG A 31 10.33 14.00 15.20
C ARG A 31 10.85 12.58 15.38
N GLY A 32 11.00 11.85 14.27
CA GLY A 32 11.52 10.48 14.32
C GLY A 32 11.93 9.96 12.96
N THR A 33 12.03 8.63 12.85
CA THR A 33 12.35 7.93 11.59
C THR A 33 11.32 8.22 10.50
N TYR A 34 10.05 8.33 10.92
CA TYR A 34 8.94 8.76 10.05
C TYR A 34 9.12 10.16 9.42
N GLY A 35 9.82 11.04 10.12
CA GLY A 35 10.03 12.42 9.67
C GLY A 35 9.64 13.43 10.75
N HIS A 36 8.89 14.45 10.35
CA HIS A 36 8.49 15.55 11.22
C HIS A 36 6.99 15.63 11.23
N VAL A 37 6.36 15.60 12.40
CA VAL A 37 4.90 15.79 12.53
C VAL A 37 4.54 17.10 13.24
N TYR A 38 3.70 17.92 12.59
CA TYR A 38 3.26 19.20 13.13
C TYR A 38 1.76 19.18 13.40
N LYS A 39 1.34 19.87 14.45
CA LYS A 39 -0.06 20.24 14.64
C LYS A 39 -0.27 21.48 13.79
N ALA A 40 -1.25 21.42 12.89
CA ALA A 40 -1.48 22.48 11.90
C ALA A 40 -2.91 22.99 11.96
N LYS A 41 -3.09 24.22 11.46
CA LYS A 41 -4.41 24.85 11.34
C LYS A 41 -4.46 25.54 9.98
N ARG A 42 -5.65 25.58 9.37
CA ARG A 42 -5.83 26.22 8.06
C ARG A 42 -5.71 27.74 8.18
N LYS A 43 -5.02 28.37 7.22
CA LYS A 43 -4.79 29.82 7.24
C LYS A 43 -6.04 30.62 6.84
N ASP A 44 -6.81 30.10 5.90
CA ASP A 44 -8.21 30.56 5.70
C ASP A 44 -9.10 29.84 6.73
N GLY A 45 -10.02 30.57 7.34
CA GLY A 45 -10.84 30.03 8.42
C GLY A 45 -12.08 29.29 7.96
N LYS A 46 -11.90 28.34 7.04
CA LYS A 46 -13.00 27.55 6.49
C LYS A 46 -13.54 26.58 7.54
N ASP A 47 -12.63 25.91 8.25
CA ASP A 47 -12.97 25.16 9.46
C ASP A 47 -12.02 25.53 10.60
N ASP A 48 -12.37 25.11 11.82
CA ASP A 48 -11.56 25.38 13.03
C ASP A 48 -10.85 24.10 13.53
N LYS A 49 -10.80 23.05 12.70
CA LYS A 49 -10.24 21.76 13.13
C LYS A 49 -8.71 21.82 13.26
N ASP A 50 -8.17 20.91 14.06
CA ASP A 50 -6.74 20.70 14.16
C ASP A 50 -6.34 19.62 13.18
N TYR A 51 -5.24 19.83 12.46
CA TYR A 51 -4.70 18.85 11.52
C TYR A 51 -3.31 18.43 11.95
N ALA A 52 -2.92 17.23 11.53
CA ALA A 52 -1.54 16.76 11.63
C ALA A 52 -0.93 16.84 10.24
N LEU A 53 0.25 17.46 10.14
CA LEU A 53 1.03 17.54 8.90
C LEU A 53 2.34 16.80 9.10
N LYS A 54 2.58 15.78 8.27
CA LYS A 54 3.83 15.00 8.33
C LYS A 54 4.70 15.29 7.11
N GLN A 55 5.88 15.88 7.34
CA GLN A 55 6.92 15.94 6.31
C GLN A 55 7.70 14.63 6.40
N ILE A 56 7.58 13.80 5.37
CA ILE A 56 8.20 12.46 5.35
C ILE A 56 9.71 12.60 5.36
N GLU A 57 10.38 11.72 6.10
CA GLU A 57 11.85 11.70 6.18
C GLU A 57 12.46 11.48 4.78
N GLY A 58 13.51 12.24 4.49
CA GLY A 58 14.26 12.11 3.23
C GLY A 58 13.71 12.99 2.12
N THR A 59 14.14 12.72 0.90
CA THR A 59 13.71 13.47 -0.28
C THR A 59 13.17 12.54 -1.36
N GLY A 60 12.36 13.09 -2.27
CA GLY A 60 11.78 12.32 -3.36
C GLY A 60 10.65 11.41 -2.87
N ILE A 61 10.38 10.37 -3.64
CA ILE A 61 9.41 9.34 -3.26
C ILE A 61 10.18 8.07 -2.95
N SER A 62 10.36 7.79 -1.66
CA SER A 62 10.97 6.53 -1.21
C SER A 62 9.93 5.42 -1.22
N MET A 63 10.41 4.18 -1.06
CA MET A 63 9.52 3.02 -0.93
C MET A 63 8.54 3.20 0.23
N SER A 64 9.04 3.66 1.37
CA SER A 64 8.17 3.97 2.52
C SER A 64 7.08 4.96 2.14
N ALA A 65 7.47 6.06 1.49
CA ALA A 65 6.52 7.12 1.08
C ALA A 65 5.55 6.60 0.02
N CYS A 66 6.11 5.96 -1.00
CA CYS A 66 5.32 5.41 -2.11
C CYS A 66 4.23 4.47 -1.62
N ARG A 67 4.59 3.55 -0.73
CA ARG A 67 3.66 2.55 -0.21
C ARG A 67 2.70 3.13 0.83
N GLU A 68 3.18 4.05 1.66
CA GLU A 68 2.31 4.81 2.56
C GLU A 68 1.22 5.56 1.80
N ILE A 69 1.61 6.25 0.73
CA ILE A 69 0.66 7.00 -0.10
C ILE A 69 -0.28 6.02 -0.81
N ALA A 70 0.30 5.00 -1.45
CA ALA A 70 -0.49 3.99 -2.20
C ALA A 70 -1.58 3.33 -1.37
N LEU A 71 -1.25 2.91 -0.15
CA LEU A 71 -2.20 2.22 0.72
C LEU A 71 -3.21 3.16 1.38
N LEU A 72 -2.75 4.28 1.91
CA LEU A 72 -3.65 5.25 2.56
C LEU A 72 -4.64 5.89 1.58
N ARG A 73 -4.22 6.03 0.32
CA ARG A 73 -5.11 6.47 -0.75
C ARG A 73 -6.34 5.57 -0.96
N GLU A 74 -6.22 4.29 -0.57
CA GLU A 74 -7.27 3.28 -0.72
C GLU A 74 -8.01 2.92 0.57
N LEU A 75 -7.29 2.83 1.69
CA LEU A 75 -7.86 2.33 2.94
C LEU A 75 -8.88 3.30 3.53
N LYS A 76 -10.05 2.79 3.90
CA LYS A 76 -11.13 3.58 4.49
C LYS A 76 -11.77 2.78 5.63
N HIS A 77 -11.46 3.17 6.87
CA HIS A 77 -12.01 2.53 8.06
C HIS A 77 -11.90 3.48 9.23
N PRO A 78 -12.93 3.55 10.11
CA PRO A 78 -12.89 4.46 11.27
C PRO A 78 -11.67 4.34 12.18
N ASN A 79 -11.11 3.14 12.34
CA ASN A 79 -9.94 2.89 13.19
C ASN A 79 -8.57 2.82 12.48
N VAL A 80 -8.51 3.24 11.23
CA VAL A 80 -7.24 3.45 10.52
C VAL A 80 -7.17 4.93 10.19
N ILE A 81 -6.05 5.58 10.51
CA ILE A 81 -5.87 7.02 10.21
C ILE A 81 -6.12 7.28 8.72
N SER A 82 -6.91 8.32 8.41
CA SER A 82 -7.29 8.65 7.03
C SER A 82 -6.36 9.71 6.44
N LEU A 83 -5.78 9.42 5.27
CA LEU A 83 -5.02 10.43 4.52
C LEU A 83 -5.99 11.43 3.90
N GLN A 84 -5.89 12.69 4.32
CA GLN A 84 -6.75 13.77 3.81
C GLN A 84 -6.20 14.40 2.54
N LYS A 85 -4.89 14.65 2.51
CA LYS A 85 -4.24 15.27 1.35
C LYS A 85 -2.76 14.94 1.29
N VAL A 86 -2.23 14.94 0.07
CA VAL A 86 -0.81 14.84 -0.18
C VAL A 86 -0.35 16.13 -0.85
N PHE A 87 0.71 16.74 -0.34
CA PHE A 87 1.35 17.91 -0.99
C PHE A 87 2.76 17.52 -1.40
N LEU A 88 3.08 17.81 -2.67
CA LEU A 88 4.38 17.54 -3.24
C LEU A 88 5.08 18.88 -3.47
N SER A 89 6.21 19.09 -2.80
CA SER A 89 6.98 20.34 -2.88
C SER A 89 8.17 20.11 -3.81
N HIS A 90 8.07 20.68 -5.02
CA HIS A 90 9.03 20.39 -6.11
C HIS A 90 10.39 20.95 -5.88
N ALA A 91 10.48 22.13 -5.27
CA ALA A 91 11.75 22.84 -5.06
C ALA A 91 12.74 22.03 -4.21
N ASP A 92 12.26 21.47 -3.10
CA ASP A 92 13.08 20.69 -2.16
C ASP A 92 12.78 19.18 -2.15
N ARG A 93 11.92 18.73 -3.07
CA ARG A 93 11.56 17.31 -3.21
C ARG A 93 11.05 16.67 -1.90
N LYS A 94 10.16 17.38 -1.22
CA LYS A 94 9.60 16.91 0.05
C LYS A 94 8.15 16.51 -0.12
N VAL A 95 7.75 15.44 0.57
CA VAL A 95 6.38 14.97 0.58
C VAL A 95 5.73 15.30 1.93
N TRP A 96 4.54 15.91 1.87
CA TRP A 96 3.77 16.25 3.04
C TRP A 96 2.45 15.53 2.99
N LEU A 97 2.10 14.86 4.09
CA LEU A 97 0.81 14.20 4.25
C LEU A 97 -0.02 14.92 5.30
N LEU A 98 -1.31 15.09 5.00
CA LEU A 98 -2.26 15.75 5.88
C LEU A 98 -3.20 14.73 6.51
N PHE A 99 -3.32 14.77 7.84
CA PHE A 99 -4.27 13.94 8.58
C PHE A 99 -5.10 14.80 9.53
N ASP A 100 -6.22 14.26 10.01
CA ASP A 100 -6.91 14.83 11.16
C ASP A 100 -6.03 14.62 12.39
N TYR A 101 -5.94 15.62 13.26
CA TYR A 101 -5.02 15.61 14.39
C TYR A 101 -5.53 14.73 15.54
N ALA A 102 -4.68 13.80 15.99
CA ALA A 102 -4.95 12.97 17.17
C ALA A 102 -4.14 13.49 18.36
N GLU A 103 -4.82 14.06 19.34
CA GLU A 103 -4.19 14.60 20.55
C GLU A 103 -3.46 13.53 21.35
N HIS A 104 -4.00 12.31 21.37
CA HIS A 104 -3.50 11.25 22.25
C HIS A 104 -3.03 10.03 21.54
N ASP A 105 -2.33 9.19 22.28
CA ASP A 105 -1.94 7.87 21.81
C ASP A 105 -1.69 6.96 23.02
N LEU A 106 -1.57 5.66 22.78
CA LEU A 106 -1.47 4.69 23.88
C LEU A 106 -0.18 4.79 24.69
N TRP A 107 0.93 5.16 24.06
CA TRP A 107 2.20 5.37 24.77
C TRP A 107 2.05 6.35 25.89
N HIS A 108 1.46 7.51 25.59
CA HIS A 108 1.27 8.58 26.59
C HIS A 108 0.18 8.28 27.58
N ILE A 109 -0.90 7.63 27.13
CA ILE A 109 -1.95 7.19 28.05
C ILE A 109 -1.39 6.17 29.06
N ILE A 110 -0.64 5.18 28.57
CA ILE A 110 -0.05 4.16 29.44
C ILE A 110 0.96 4.78 30.43
N LYS A 111 1.83 5.66 29.96
CA LYS A 111 2.78 6.38 30.84
C LYS A 111 2.08 7.21 31.93
N PHE A 112 1.01 7.92 31.56
CA PHE A 112 0.20 8.70 32.52
C PHE A 112 -0.32 7.82 33.66
N HIS A 113 -0.85 6.65 33.32
CA HIS A 113 -1.28 5.66 34.32
C HIS A 113 -0.13 5.08 35.10
N ARG A 114 0.98 4.77 34.42
CA ARG A 114 2.17 4.23 35.06
C ARG A 114 2.82 5.23 36.04
N ALA A 115 2.78 6.52 35.69
CA ALA A 115 3.31 7.59 36.55
C ALA A 115 2.52 7.79 37.85
N SER A 116 1.24 7.40 37.85
CA SER A 116 0.38 7.52 39.04
C SER A 116 0.81 6.63 40.20
N LYS A 117 1.26 5.41 39.89
CA LYS A 117 1.76 4.47 40.90
C LYS A 117 3.08 4.95 41.51
N LEU A 125 -9.46 6.33 33.54
CA LEU A 125 -9.79 4.95 33.17
C LEU A 125 -11.19 4.56 33.68
N PRO A 126 -12.23 4.80 32.84
CA PRO A 126 -13.55 4.19 33.07
C PRO A 126 -13.52 2.66 32.99
N ARG A 127 -14.66 2.02 33.21
CA ARG A 127 -14.72 0.56 33.33
C ARG A 127 -14.26 -0.15 32.05
N GLY A 128 -14.84 0.25 30.91
CA GLY A 128 -14.58 -0.39 29.63
C GLY A 128 -13.59 0.29 28.71
N MET A 129 -12.72 1.17 29.24
CA MET A 129 -11.74 1.87 28.38
C MET A 129 -10.75 0.89 27.74
N VAL A 130 -10.15 0.02 28.56
CA VAL A 130 -9.19 -0.96 28.07
C VAL A 130 -9.85 -1.88 27.02
N LYS A 131 -11.04 -2.38 27.35
CA LYS A 131 -11.81 -3.23 26.44
C LYS A 131 -12.15 -2.49 25.14
N SER A 132 -12.63 -1.26 25.26
CA SER A 132 -12.98 -0.46 24.08
C SER A 132 -11.78 -0.20 23.17
N LEU A 133 -10.62 0.08 23.77
CA LEU A 133 -9.36 0.25 23.01
C LEU A 133 -9.00 -1.02 22.25
N LEU A 134 -9.01 -2.15 22.95
CA LEU A 134 -8.69 -3.43 22.32
C LEU A 134 -9.60 -3.75 21.15
N TYR A 135 -10.91 -3.56 21.35
CA TYR A 135 -11.87 -3.84 20.29
C TYR A 135 -11.59 -3.02 19.02
N GLN A 136 -11.34 -1.72 19.20
CA GLN A 136 -11.09 -0.83 18.07
C GLN A 136 -9.75 -1.11 17.38
N ILE A 137 -8.73 -1.44 18.17
CA ILE A 137 -7.44 -1.91 17.62
C ILE A 137 -7.67 -3.16 16.76
N LEU A 138 -8.36 -4.14 17.33
CA LEU A 138 -8.72 -5.35 16.57
C LEU A 138 -9.56 -5.06 15.31
N ASP A 139 -10.49 -4.12 15.41
CA ASP A 139 -11.34 -3.73 14.27
C ASP A 139 -10.49 -3.14 13.13
N GLY A 140 -9.58 -2.23 13.48
CA GLY A 140 -8.69 -1.61 12.49
C GLY A 140 -7.71 -2.59 11.85
N ILE A 141 -7.10 -3.45 12.66
CA ILE A 141 -6.15 -4.45 12.17
C ILE A 141 -6.86 -5.50 11.31
N HIS A 142 -8.06 -5.91 11.73
CA HIS A 142 -8.87 -6.82 10.92
C HIS A 142 -9.16 -6.29 9.54
N TYR A 143 -9.46 -5.00 9.44
CA TYR A 143 -9.72 -4.36 8.17
C TYR A 143 -8.48 -4.37 7.28
N LEU A 144 -7.32 -4.07 7.86
CA LEU A 144 -6.04 -4.17 7.14
C LEU A 144 -5.82 -5.59 6.66
N HIS A 145 -5.92 -6.56 7.58
CA HIS A 145 -5.70 -7.97 7.28
C HIS A 145 -6.63 -8.50 6.21
N ALA A 146 -7.91 -8.11 6.27
CA ALA A 146 -8.89 -8.53 5.24
C ALA A 146 -8.53 -7.98 3.85
N ASN A 147 -7.82 -6.86 3.82
CA ASN A 147 -7.27 -6.28 2.59
C ASN A 147 -5.83 -6.72 2.28
N TRP A 148 -5.34 -7.77 2.95
CA TRP A 148 -3.98 -8.30 2.76
C TRP A 148 -2.90 -7.28 2.99
N VAL A 149 -3.13 -6.40 3.97
CA VAL A 149 -2.15 -5.40 4.39
C VAL A 149 -1.76 -5.74 5.81
N LEU A 150 -0.46 -5.91 6.02
CA LEU A 150 0.09 -6.12 7.36
C LEU A 150 0.55 -4.78 7.91
N HIS A 151 0.45 -4.59 9.22
CA HIS A 151 1.01 -3.39 9.85
C HIS A 151 2.51 -3.54 9.99
N ARG A 152 2.94 -4.61 10.65
CA ARG A 152 4.36 -4.98 10.78
C ARG A 152 5.19 -4.22 11.81
N ASP A 153 4.60 -3.24 12.50
CA ASP A 153 5.32 -2.48 13.54
C ASP A 153 4.38 -1.88 14.58
N LEU A 154 3.40 -2.69 15.00
CA LEU A 154 2.35 -2.23 15.86
C LEU A 154 2.90 -2.07 17.28
N LYS A 155 2.65 -0.90 17.88
CA LYS A 155 3.13 -0.58 19.22
C LYS A 155 2.31 0.57 19.83
N PRO A 156 2.39 0.77 21.16
CA PRO A 156 1.61 1.84 21.79
C PRO A 156 1.76 3.23 21.17
N ALA A 157 2.97 3.56 20.72
CA ALA A 157 3.26 4.85 20.09
C ALA A 157 2.51 5.11 18.77
N ASN A 158 2.14 4.03 18.06
N ASN A 158 2.14 4.07 18.02
CA ASN A 158 1.45 4.10 16.77
CA ASN A 158 1.39 4.29 16.76
C ASN A 158 -0.08 3.97 16.82
C ASN A 158 -0.06 3.81 16.81
N ILE A 159 -0.63 3.74 18.02
CA ILE A 159 -2.06 3.58 18.23
C ILE A 159 -2.52 4.93 18.78
N LEU A 160 -3.01 5.78 17.88
CA LEU A 160 -3.48 7.10 18.25
C LEU A 160 -4.91 7.00 18.80
N VAL A 161 -5.27 7.98 19.62
CA VAL A 161 -6.65 8.13 20.11
C VAL A 161 -7.06 9.58 19.98
N MET A 162 -8.21 9.84 19.37
CA MET A 162 -8.65 11.21 19.13
C MET A 162 -9.09 11.88 20.44
N GLY A 163 -8.75 13.17 20.57
CA GLY A 163 -9.18 13.98 21.71
C GLY A 163 -10.53 14.63 21.45
N GLU A 164 -10.80 15.72 22.16
CA GLU A 164 -12.07 16.43 22.04
C GLU A 164 -12.39 16.80 20.60
N GLY A 165 -13.67 16.65 20.22
CA GLY A 165 -14.12 16.84 18.84
C GLY A 165 -15.11 15.75 18.46
N PRO A 166 -15.51 15.69 17.18
CA PRO A 166 -16.53 14.71 16.74
C PRO A 166 -16.12 13.23 16.79
N GLU A 167 -14.82 12.93 16.85
CA GLU A 167 -14.33 11.54 16.96
C GLU A 167 -13.72 11.22 18.33
N ARG A 168 -14.21 11.91 19.36
CA ARG A 168 -13.75 11.76 20.73
C ARG A 168 -13.53 10.30 21.15
N GLY A 169 -12.30 9.97 21.53
CA GLY A 169 -11.96 8.64 22.03
C GLY A 169 -12.00 7.51 21.01
N ARG A 170 -11.84 7.85 19.74
CA ARG A 170 -11.78 6.84 18.68
C ARG A 170 -10.31 6.51 18.42
N VAL A 171 -10.01 5.21 18.35
CA VAL A 171 -8.66 4.73 18.02
C VAL A 171 -8.37 4.95 16.54
N LYS A 172 -7.17 5.45 16.24
CA LYS A 172 -6.67 5.54 14.88
C LYS A 172 -5.30 4.86 14.81
N ILE A 173 -5.26 3.71 14.12
CA ILE A 173 -4.00 3.02 13.85
C ILE A 173 -3.22 3.83 12.82
N ALA A 174 -1.95 4.10 13.13
CA ALA A 174 -1.08 4.93 12.29
C ALA A 174 0.26 4.21 12.05
N ASP A 175 1.13 4.87 11.28
CA ASP A 175 2.53 4.49 11.09
C ASP A 175 2.68 3.02 10.71
N MET A 176 2.02 2.63 9.63
CA MET A 176 1.89 1.22 9.22
C MET A 176 3.14 0.45 8.77
N GLY A 177 4.35 1.04 8.85
CA GLY A 177 5.59 0.32 8.48
C GLY A 177 5.52 -0.20 7.05
N PHE A 178 5.21 0.72 6.15
CA PHE A 178 4.71 0.36 4.81
C PHE A 178 5.68 -0.34 3.89
N ALA A 179 6.99 -0.12 4.09
CA ALA A 179 8.02 -0.64 3.20
C ALA A 179 8.99 -1.52 3.96
N ARG A 180 8.97 -2.81 3.65
CA ARG A 180 9.95 -3.77 4.14
C ARG A 180 10.35 -4.61 2.94
N LEU A 181 11.60 -4.53 2.50
CA LEU A 181 12.01 -5.23 1.28
C LEU A 181 11.73 -6.74 1.39
N PHE A 182 11.14 -7.30 0.33
CA PHE A 182 10.76 -8.72 0.26
C PHE A 182 9.84 -9.19 1.39
N ASN A 183 9.04 -8.27 1.95
CA ASN A 183 8.22 -8.53 3.14
C ASN A 183 9.03 -9.19 4.28
N SER A 184 10.29 -8.78 4.42
CA SER A 184 11.25 -9.47 5.29
C SER A 184 11.71 -8.62 6.49
N PRO A 185 11.63 -9.20 7.71
CA PRO A 185 12.17 -8.53 8.91
C PRO A 185 13.70 -8.56 9.00
N LEU A 186 14.35 -9.36 8.14
CA LEU A 186 15.81 -9.54 8.17
C LEU A 186 16.60 -8.43 7.45
N LYS A 187 15.95 -7.72 6.51
CA LYS A 187 16.63 -6.73 5.68
C LYS A 187 16.88 -5.41 6.43
N VAL A 196 18.90 2.77 19.32
CA VAL A 196 17.79 2.79 20.27
C VAL A 196 16.56 2.07 19.70
N VAL A 197 16.56 0.74 19.82
CA VAL A 197 15.45 -0.10 19.36
C VAL A 197 14.96 -1.00 20.48
N THR A 198 13.63 -1.18 20.56
CA THR A 198 13.00 -2.11 21.51
C THR A 198 12.35 -3.28 20.77
N PHE A 199 12.44 -4.47 21.36
CA PHE A 199 11.87 -5.69 20.78
C PHE A 199 10.69 -6.22 21.60
N TRP A 200 10.09 -5.36 22.42
CA TRP A 200 9.07 -5.78 23.40
C TRP A 200 7.78 -6.30 22.77
N TYR A 201 7.48 -5.86 21.56
CA TYR A 201 6.23 -6.22 20.85
C TYR A 201 6.43 -7.22 19.72
N ARG A 202 7.66 -7.75 19.59
CA ARG A 202 8.03 -8.67 18.51
C ARG A 202 7.72 -10.12 18.86
N ALA A 203 7.00 -10.80 17.98
CA ALA A 203 6.61 -12.22 18.17
C ALA A 203 7.84 -13.13 18.26
N PRO A 204 7.74 -14.26 19.01
CA PRO A 204 8.94 -15.10 19.15
C PRO A 204 9.48 -15.68 17.85
N GLU A 205 8.62 -15.90 16.85
CA GLU A 205 9.08 -16.40 15.55
C GLU A 205 9.99 -15.41 14.82
N LEU A 206 9.74 -14.11 14.99
CA LEU A 206 10.67 -13.07 14.51
C LEU A 206 12.02 -13.22 15.19
N LEU A 207 12.02 -13.41 16.50
CA LEU A 207 13.24 -13.56 17.29
C LEU A 207 13.98 -14.85 16.93
N LEU A 208 13.26 -15.88 16.48
CA LEU A 208 13.89 -17.13 16.02
C LEU A 208 14.16 -17.16 14.50
N GLY A 209 13.99 -16.01 13.84
CA GLY A 209 14.49 -15.81 12.48
C GLY A 209 13.48 -15.99 11.35
N ALA A 210 12.19 -15.84 11.64
CA ALA A 210 11.14 -15.92 10.60
C ALA A 210 11.50 -14.99 9.44
N ARG A 211 11.37 -15.50 8.22
CA ARG A 211 11.81 -14.79 7.01
C ARG A 211 10.80 -13.77 6.48
N HIS A 212 9.55 -13.83 6.94
CA HIS A 212 8.48 -12.96 6.45
C HIS A 212 7.55 -12.49 7.53
N TYR A 213 7.04 -11.27 7.37
CA TYR A 213 5.98 -10.78 8.25
C TYR A 213 4.66 -11.50 7.92
N THR A 214 3.83 -11.67 8.94
CA THR A 214 2.56 -12.39 8.83
C THR A 214 1.48 -11.66 9.61
N LYS A 215 0.23 -12.09 9.41
CA LYS A 215 -0.89 -11.62 10.23
C LYS A 215 -0.66 -11.96 11.71
N ALA A 216 -0.22 -13.19 11.98
CA ALA A 216 0.02 -13.62 13.35
C ALA A 216 0.99 -12.69 14.12
N ILE A 217 2.00 -12.17 13.43
CA ILE A 217 2.97 -11.25 14.04
C ILE A 217 2.29 -9.97 14.55
N ASP A 218 1.36 -9.40 13.76
CA ASP A 218 0.52 -8.29 14.24
C ASP A 218 -0.31 -8.69 15.47
N ILE A 219 -0.90 -9.87 15.44
CA ILE A 219 -1.78 -10.32 16.54
C ILE A 219 -1.01 -10.43 17.88
N TRP A 220 0.20 -10.97 17.84
CA TRP A 220 1.07 -11.01 19.03
C TRP A 220 1.29 -9.64 19.62
N ALA A 221 1.60 -8.68 18.76
CA ALA A 221 1.77 -7.27 19.19
C ALA A 221 0.52 -6.70 19.87
N ILE A 222 -0.66 -7.03 19.34
CA ILE A 222 -1.94 -6.63 19.96
C ILE A 222 -2.08 -7.25 21.37
N GLY A 223 -1.72 -8.52 21.49
CA GLY A 223 -1.67 -9.19 22.79
C GLY A 223 -0.76 -8.47 23.79
N CYS A 224 0.44 -8.10 23.35
CA CYS A 224 1.38 -7.35 24.19
C CYS A 224 0.76 -6.03 24.64
N ILE A 225 0.13 -5.33 23.70
CA ILE A 225 -0.51 -4.06 23.99
C ILE A 225 -1.65 -4.26 25.01
N PHE A 226 -2.42 -5.34 24.84
CA PHE A 226 -3.54 -5.62 25.73
C PHE A 226 -3.05 -5.92 27.15
N ALA A 227 -2.00 -6.72 27.28
CA ALA A 227 -1.39 -6.98 28.58
C ALA A 227 -0.93 -5.66 29.23
N GLU A 228 -0.29 -4.80 28.43
CA GLU A 228 0.19 -3.51 28.90
C GLU A 228 -0.93 -2.55 29.32
N LEU A 229 -2.05 -2.56 28.61
CA LEU A 229 -3.21 -1.76 29.01
C LEU A 229 -3.80 -2.24 30.34
N LEU A 230 -3.82 -3.55 30.56
CA LEU A 230 -4.30 -4.15 31.82
C LEU A 230 -3.41 -3.86 33.03
N THR A 231 -2.09 -3.85 32.84
CA THR A 231 -1.12 -3.69 33.94
C THR A 231 -0.38 -2.34 33.99
N SER A 232 -0.43 -1.57 32.89
CA SER A 232 0.38 -0.34 32.71
C SER A 232 1.90 -0.57 32.57
N GLU A 233 2.31 -1.83 32.34
CA GLU A 233 3.72 -2.21 32.26
C GLU A 233 3.91 -3.04 30.98
N PRO A 234 5.01 -2.84 30.24
CA PRO A 234 5.21 -3.70 29.06
C PRO A 234 5.49 -5.14 29.49
N ILE A 235 4.68 -6.08 29.02
CA ILE A 235 4.75 -7.47 29.50
C ILE A 235 6.12 -8.13 29.24
N PHE A 236 6.71 -7.84 28.07
CA PHE A 236 8.02 -8.41 27.73
C PHE A 236 9.13 -7.35 27.74
N HIS A 237 9.08 -6.51 28.77
CA HIS A 237 10.10 -5.49 29.04
C HIS A 237 11.48 -6.07 29.25
N CYS A 238 12.47 -5.47 28.60
CA CYS A 238 13.89 -5.74 28.84
C CYS A 238 14.74 -4.62 28.21
N ARG A 239 16.06 -4.69 28.36
CA ARG A 239 16.95 -3.60 27.90
C ARG A 239 16.86 -3.36 26.39
N GLN A 240 17.09 -2.12 25.98
CA GLN A 240 17.06 -1.74 24.56
C GLN A 240 18.29 -2.25 23.82
N GLU A 241 18.15 -2.40 22.50
CA GLU A 241 19.23 -2.88 21.61
C GLU A 241 19.68 -4.32 21.92
N SER A 246 20.54 -6.64 10.59
CA SER A 246 21.40 -7.53 11.35
C SER A 246 20.61 -8.69 11.99
N ASN A 247 21.33 -9.58 12.68
CA ASN A 247 20.80 -10.75 13.41
C ASN A 247 19.41 -10.54 14.07
N PRO A 248 18.42 -11.38 13.70
CA PRO A 248 17.10 -11.29 14.38
C PRO A 248 17.08 -11.89 15.80
N TYR A 249 18.02 -12.79 16.11
CA TYR A 249 18.07 -13.46 17.41
C TYR A 249 18.49 -12.51 18.54
N HIS A 250 17.61 -12.35 19.52
CA HIS A 250 17.84 -11.49 20.68
C HIS A 250 17.61 -12.29 21.94
N HIS A 251 18.71 -12.65 22.61
CA HIS A 251 18.71 -13.57 23.75
C HIS A 251 17.87 -13.12 24.92
N ASP A 252 18.13 -11.90 25.39
CA ASP A 252 17.44 -11.35 26.57
C ASP A 252 15.95 -11.16 26.35
N GLN A 253 15.57 -10.75 25.15
CA GLN A 253 14.16 -10.65 24.80
C GLN A 253 13.45 -12.00 24.89
N LEU A 254 14.08 -13.05 24.37
CA LEU A 254 13.54 -14.42 24.45
C LEU A 254 13.47 -14.89 25.91
N ASP A 255 14.56 -14.67 26.65
CA ASP A 255 14.61 -14.94 28.08
C ASP A 255 13.43 -14.31 28.84
N ARG A 256 13.13 -13.05 28.53
CA ARG A 256 12.00 -12.35 29.14
C ARG A 256 10.66 -12.98 28.77
N ILE A 257 10.49 -13.35 27.50
CA ILE A 257 9.26 -14.02 27.06
C ILE A 257 9.05 -15.33 27.82
N PHE A 258 10.11 -16.12 27.99
CA PHE A 258 10.04 -17.39 28.71
C PHE A 258 9.80 -17.22 30.21
N ASN A 259 10.45 -16.21 30.82
CA ASN A 259 10.18 -15.86 32.22
C ASN A 259 8.72 -15.49 32.48
N VAL A 260 8.05 -14.91 31.49
CA VAL A 260 6.62 -14.61 31.57
C VAL A 260 5.77 -15.81 31.17
N MET A 261 6.03 -16.38 30.00
CA MET A 261 5.14 -17.38 29.39
C MET A 261 5.43 -18.84 29.73
N GLY A 262 6.62 -19.10 30.26
CA GLY A 262 7.15 -20.47 30.30
C GLY A 262 7.84 -20.78 28.98
N PHE A 263 8.53 -21.91 28.94
CA PHE A 263 9.26 -22.39 27.76
C PHE A 263 8.34 -23.35 26.99
N PRO A 264 8.16 -23.14 25.69
CA PRO A 264 7.18 -23.97 24.95
C PRO A 264 7.59 -25.43 24.89
N ALA A 265 6.63 -26.32 25.17
CA ALA A 265 6.81 -27.76 24.95
C ALA A 265 6.80 -28.05 23.45
N ASP A 266 7.29 -29.22 23.07
CA ASP A 266 7.23 -29.70 21.69
C ASP A 266 5.81 -29.62 21.13
N LYS A 267 4.85 -30.07 21.93
CA LYS A 267 3.43 -30.06 21.56
C LYS A 267 2.82 -28.65 21.39
N ASP A 268 3.36 -27.66 22.11
CA ASP A 268 2.91 -26.26 22.01
C ASP A 268 3.30 -25.61 20.67
N TRP A 269 4.46 -25.99 20.14
CA TRP A 269 5.01 -25.37 18.93
C TRP A 269 5.85 -26.37 18.17
N GLU A 270 5.16 -27.27 17.48
CA GLU A 270 5.79 -28.38 16.74
C GLU A 270 6.77 -27.93 15.65
N ASP A 271 6.40 -26.87 14.92
CA ASP A 271 7.23 -26.31 13.86
C ASP A 271 8.32 -25.35 14.34
N ILE A 272 8.58 -25.28 15.65
CA ILE A 272 9.70 -24.47 16.17
C ILE A 272 11.05 -24.96 15.61
N LYS A 273 11.15 -26.27 15.35
CA LYS A 273 12.33 -26.88 14.71
C LYS A 273 12.66 -26.32 13.31
N LYS A 274 11.63 -25.86 12.59
CA LYS A 274 11.82 -25.26 11.27
C LYS A 274 12.35 -23.82 11.32
N MET A 275 12.31 -23.17 12.49
CA MET A 275 12.84 -21.80 12.65
C MET A 275 14.36 -21.82 12.47
N PRO A 276 14.93 -20.87 11.71
CA PRO A 276 16.38 -20.87 11.48
C PRO A 276 17.27 -20.80 12.73
N GLU A 277 16.80 -20.14 13.78
CA GLU A 277 17.57 -20.00 15.03
C GLU A 277 17.19 -21.02 16.11
N HIS A 278 16.49 -22.10 15.74
CA HIS A 278 16.09 -23.12 16.71
C HIS A 278 17.25 -23.74 17.42
N SER A 279 18.31 -24.05 16.68
CA SER A 279 19.50 -24.70 17.27
C SER A 279 20.23 -23.77 18.23
N THR A 280 20.25 -22.46 17.93
CA THR A 280 20.77 -21.44 18.84
C THR A 280 19.95 -21.38 20.14
N LEU A 281 18.62 -21.41 19.99
CA LEU A 281 17.72 -21.47 21.14
C LEU A 281 18.01 -22.66 22.03
N MET A 282 18.25 -23.83 21.42
CA MET A 282 18.56 -25.04 22.17
C MET A 282 19.92 -24.97 22.86
N LYS A 283 20.88 -24.30 22.22
CA LYS A 283 22.22 -24.09 22.79
C LYS A 283 22.17 -23.17 24.02
N ASP A 284 21.39 -22.10 23.93
CA ASP A 284 21.34 -21.05 24.96
C ASP A 284 20.37 -21.32 26.13
N PHE A 285 19.31 -22.09 25.89
CA PHE A 285 18.20 -22.21 26.85
C PHE A 285 17.91 -23.65 27.26
N ARG A 286 17.57 -23.83 28.54
CA ARG A 286 17.07 -25.09 29.08
C ARG A 286 15.65 -24.89 29.57
N ARG A 287 14.77 -25.84 29.24
CA ARG A 287 13.35 -25.85 29.67
C ARG A 287 13.16 -25.63 31.18
N ASN A 288 13.96 -26.35 31.96
CA ASN A 288 13.86 -26.36 33.44
C ASN A 288 14.05 -24.99 34.10
N THR A 289 14.84 -24.11 33.49
CA THR A 289 14.98 -22.71 33.92
C THR A 289 13.64 -21.97 34.13
N TYR A 290 12.63 -22.35 33.35
CA TYR A 290 11.34 -21.65 33.32
C TYR A 290 10.17 -22.47 33.85
N THR A 291 10.45 -23.48 34.66
CA THR A 291 9.46 -24.52 35.02
C THR A 291 8.22 -23.99 35.77
N ASN A 292 8.41 -23.01 36.64
CA ASN A 292 7.31 -22.40 37.41
C ASN A 292 6.79 -21.08 36.81
N CYS A 293 7.10 -20.82 35.54
CA CYS A 293 6.71 -19.58 34.85
C CYS A 293 5.50 -19.83 33.97
N SER A 294 4.52 -18.91 34.03
CA SER A 294 3.34 -18.97 33.17
C SER A 294 2.65 -17.62 33.11
N LEU A 295 1.89 -17.39 32.03
CA LEU A 295 1.11 -16.17 31.88
C LEU A 295 0.11 -16.00 33.05
N ILE A 296 -0.45 -17.12 33.52
CA ILE A 296 -1.33 -17.13 34.69
C ILE A 296 -0.66 -16.50 35.90
N LYS A 297 0.53 -16.99 36.25
CA LYS A 297 1.28 -16.48 37.41
C LYS A 297 1.68 -15.02 37.21
N TYR A 298 2.17 -14.68 36.03
CA TYR A 298 2.51 -13.29 35.74
C TYR A 298 1.32 -12.35 35.98
N MET A 299 0.19 -12.66 35.35
CA MET A 299 -0.99 -11.80 35.44
C MET A 299 -1.62 -11.77 36.83
N GLU A 300 -1.54 -12.88 37.57
CA GLU A 300 -1.91 -12.92 39.00
C GLU A 300 -1.17 -11.89 39.86
N LYS A 301 0.12 -11.70 39.58
CA LYS A 301 0.94 -10.72 40.31
C LYS A 301 0.53 -9.27 40.02
N HIS A 302 0.02 -9.03 38.81
CA HIS A 302 -0.47 -7.70 38.40
C HIS A 302 -1.97 -7.55 38.53
N LYS A 303 -2.57 -8.32 39.46
CA LYS A 303 -3.98 -8.18 39.86
C LYS A 303 -5.01 -8.41 38.74
N VAL A 304 -4.65 -9.22 37.74
CA VAL A 304 -5.58 -9.67 36.70
C VAL A 304 -5.99 -11.11 37.03
N LYS A 305 -7.31 -11.34 37.11
CA LYS A 305 -7.85 -12.63 37.50
C LYS A 305 -7.70 -13.60 36.32
N PRO A 306 -7.08 -14.78 36.54
CA PRO A 306 -6.90 -15.74 35.44
C PRO A 306 -8.17 -16.43 34.95
N ASP A 307 -9.23 -16.43 35.77
CA ASP A 307 -10.56 -16.93 35.38
C ASP A 307 -11.42 -15.86 34.68
N SER A 308 -10.88 -14.66 34.46
CA SER A 308 -11.59 -13.62 33.74
C SER A 308 -11.59 -13.90 32.24
N LYS A 309 -12.63 -13.43 31.56
CA LYS A 309 -12.72 -13.51 30.10
C LYS A 309 -11.59 -12.70 29.46
N ALA A 310 -11.26 -11.57 30.07
CA ALA A 310 -10.09 -10.77 29.66
C ALA A 310 -8.83 -11.63 29.56
N PHE A 311 -8.55 -12.41 30.61
CA PHE A 311 -7.36 -13.25 30.62
C PHE A 311 -7.37 -14.32 29.53
N HIS A 312 -8.49 -15.03 29.42
CA HIS A 312 -8.59 -16.11 28.43
C HIS A 312 -8.40 -15.61 27.02
N LEU A 313 -8.91 -14.42 26.70
CA LEU A 313 -8.62 -13.79 25.41
C LEU A 313 -7.15 -13.40 25.26
N LEU A 314 -6.58 -12.79 26.30
CA LEU A 314 -5.17 -12.42 26.29
C LEU A 314 -4.28 -13.63 25.97
N GLN A 315 -4.57 -14.75 26.61
CA GLN A 315 -3.79 -15.97 26.43
C GLN A 315 -3.85 -16.50 24.99
N LYS A 316 -5.00 -16.33 24.36
CA LYS A 316 -5.18 -16.72 22.97
C LYS A 316 -4.40 -15.82 22.01
N LEU A 317 -4.26 -14.54 22.34
CA LEU A 317 -3.49 -13.60 21.51
C LEU A 317 -1.99 -13.85 21.66
N LEU A 318 -1.55 -14.12 22.89
CA LEU A 318 -0.15 -14.41 23.20
C LEU A 318 0.13 -15.92 23.17
N THR A 319 -0.25 -16.57 22.08
CA THR A 319 0.10 -17.96 21.84
C THR A 319 1.45 -17.96 21.14
N MET A 320 2.36 -18.82 21.58
CA MET A 320 3.75 -18.82 21.11
C MET A 320 3.84 -19.27 19.66
N ASP A 321 3.17 -20.37 19.34
CA ASP A 321 3.12 -20.89 17.97
C ASP A 321 2.22 -19.98 17.15
N PRO A 322 2.78 -19.27 16.14
CA PRO A 322 1.93 -18.38 15.35
C PRO A 322 0.73 -19.05 14.66
N ILE A 323 0.85 -20.30 14.21
CA ILE A 323 -0.30 -21.00 13.61
C ILE A 323 -1.42 -21.31 14.63
N LYS A 324 -1.10 -21.29 15.93
CA LYS A 324 -2.10 -21.48 16.99
C LYS A 324 -2.62 -20.17 17.60
N ARG A 325 -2.21 -19.04 17.04
CA ARG A 325 -2.60 -17.72 17.52
C ARG A 325 -3.95 -17.41 16.90
N ILE A 326 -4.88 -16.83 17.68
CA ILE A 326 -6.18 -16.41 17.13
C ILE A 326 -6.05 -15.31 16.08
N THR A 327 -7.00 -15.25 15.18
CA THR A 327 -7.07 -14.19 14.19
C THR A 327 -7.78 -13.00 14.82
N SER A 328 -7.65 -11.84 14.18
CA SER A 328 -8.35 -10.64 14.61
C SER A 328 -9.89 -10.81 14.60
N GLU A 329 -10.44 -11.52 13.60
CA GLU A 329 -11.89 -11.83 13.50
C GLU A 329 -12.37 -12.55 14.75
N GLN A 330 -11.68 -13.65 15.07
CA GLN A 330 -12.06 -14.51 16.19
C GLN A 330 -11.92 -13.78 17.50
N ALA A 331 -10.89 -12.93 17.60
CA ALA A 331 -10.70 -12.09 18.78
C ALA A 331 -11.88 -11.14 18.96
N MET A 332 -12.33 -10.52 17.86
CA MET A 332 -13.50 -9.61 17.92
C MET A 332 -14.79 -10.31 18.33
N GLN A 333 -14.89 -11.61 18.04
CA GLN A 333 -16.04 -12.45 18.39
C GLN A 333 -15.96 -13.03 19.79
N ASP A 334 -14.88 -12.79 20.51
CA ASP A 334 -14.71 -13.37 21.84
C ASP A 334 -15.83 -12.91 22.78
N PRO A 335 -16.33 -13.81 23.65
CA PRO A 335 -17.40 -13.39 24.56
C PRO A 335 -17.01 -12.30 25.58
N TYR A 336 -15.71 -12.04 25.73
CA TYR A 336 -15.21 -10.87 26.48
C TYR A 336 -15.95 -9.59 26.10
N PHE A 337 -16.18 -9.42 24.79
CA PHE A 337 -16.81 -8.21 24.27
C PHE A 337 -18.33 -8.19 24.40
N LEU A 338 -18.93 -9.33 24.74
CA LEU A 338 -20.35 -9.45 25.07
C LEU A 338 -20.62 -9.32 26.59
N GLU A 339 -19.55 -9.33 27.40
CA GLU A 339 -19.66 -9.22 28.85
C GLU A 339 -19.69 -7.75 29.24
N ASP A 340 -20.49 -7.42 30.26
CA ASP A 340 -20.53 -6.06 30.83
C ASP A 340 -19.13 -5.64 31.34
N PRO A 341 -18.66 -4.41 31.01
CA PRO A 341 -19.23 -3.36 30.17
C PRO A 341 -18.90 -3.56 28.68
N LEU A 342 -19.85 -3.25 27.81
CA LEU A 342 -19.63 -3.35 26.37
C LEU A 342 -18.65 -2.29 25.88
N PRO A 343 -17.91 -2.60 24.80
CA PRO A 343 -17.04 -1.58 24.24
C PRO A 343 -17.84 -0.38 23.70
N THR A 344 -17.24 0.80 23.74
CA THR A 344 -17.90 2.03 23.32
C THR A 344 -17.09 2.67 22.20
N SER A 345 -17.77 3.41 21.33
CA SER A 345 -17.14 4.13 20.22
C SER A 345 -16.15 5.18 20.72
N ASP A 346 -16.53 5.88 21.79
CA ASP A 346 -15.65 6.76 22.54
C ASP A 346 -15.10 5.94 23.69
N VAL A 347 -13.81 5.63 23.64
CA VAL A 347 -13.17 4.82 24.70
C VAL A 347 -13.19 5.51 26.07
N PHE A 348 -13.27 6.84 26.09
CA PHE A 348 -13.42 7.61 27.34
C PHE A 348 -14.85 7.63 27.87
N ALA A 349 -15.82 7.14 27.08
CA ALA A 349 -17.21 6.90 27.52
C ALA A 349 -17.95 8.16 27.96
N GLY A 350 -17.64 9.29 27.33
CA GLY A 350 -18.22 10.59 27.71
C GLY A 350 -17.61 11.28 28.93
N CYS A 351 -16.71 10.59 29.65
CA CYS A 351 -16.04 11.16 30.82
C CYS A 351 -14.99 12.17 30.39
N GLN A 352 -14.66 13.10 31.29
CA GLN A 352 -13.65 14.13 31.02
C GLN A 352 -12.27 13.50 30.83
N ILE A 353 -11.56 13.92 29.78
CA ILE A 353 -10.25 13.37 29.44
C ILE A 353 -9.21 13.97 30.39
N PRO A 354 -8.52 13.14 31.20
CA PRO A 354 -7.51 13.65 32.14
C PRO A 354 -6.11 13.86 31.53
N TYR A 355 -5.90 13.36 30.31
CA TYR A 355 -4.57 13.29 29.72
C TYR A 355 -4.18 14.67 29.16
N PRO A 356 -2.92 15.09 29.36
CA PRO A 356 -2.52 16.40 28.86
C PRO A 356 -2.35 16.42 27.34
N LYS A 357 -2.50 17.60 26.76
CA LYS A 357 -2.27 17.80 25.33
C LYS A 357 -0.79 17.62 24.98
N ARG A 358 -0.51 17.42 23.69
CA ARG A 358 0.86 17.31 23.21
C ARG A 358 1.58 18.64 23.41
N GLU A 359 2.84 18.58 23.80
CA GLU A 359 3.70 19.78 23.90
C GLU A 359 4.45 19.96 22.58
N PHE A 360 4.77 21.22 22.25
CA PHE A 360 5.52 21.51 21.04
C PHE A 360 7.02 21.39 21.27
N LEU A 361 7.73 20.85 20.29
CA LEU A 361 9.17 20.63 20.37
C LEU A 361 9.89 21.87 19.89
N THR A 362 10.74 22.45 20.76
CA THR A 362 11.55 23.62 20.43
C THR A 362 13.06 23.31 20.30
N GLU A 363 13.44 22.02 20.30
CA GLU A 363 14.85 21.62 20.22
C GLU A 363 15.39 21.74 18.79
N GLU A 364 16.66 22.17 18.68
CA GLU A 364 17.35 22.28 17.38
C GLU A 364 18.07 20.98 17.04
N ASP B 1 1.99 -9.18 -5.05
CA ASP B 1 1.40 -8.20 -4.08
C ASP B 1 -0.13 -8.29 -4.11
N LYS B 2 -0.72 -8.76 -3.02
CA LYS B 2 -2.17 -9.00 -2.91
C LYS B 2 -2.94 -7.85 -2.21
N ALA B 3 -2.25 -6.76 -1.88
CA ALA B 3 -2.83 -5.59 -1.19
C ALA B 3 -4.11 -5.05 -1.86
N MET B 4 -5.18 -4.90 -1.07
CA MET B 4 -6.49 -4.37 -1.51
C MET B 4 -7.26 -5.26 -2.49
N ALA B 5 -6.94 -6.55 -2.53
CA ALA B 5 -7.41 -7.48 -3.58
C ALA B 5 -8.93 -7.55 -3.78
N GLY B 6 -9.68 -7.49 -2.68
CA GLY B 6 -11.16 -7.55 -2.72
C GLY B 6 -11.85 -6.21 -2.54
N ASN B 7 -11.14 -5.11 -2.79
CA ASN B 7 -11.65 -3.76 -2.50
C ASN B 7 -11.99 -2.94 -3.75
N PHE B 8 -12.02 -3.58 -4.92
CA PHE B 8 -12.18 -2.86 -6.20
C PHE B 8 -13.35 -1.87 -6.21
N TRP B 9 -14.49 -2.28 -5.66
CA TRP B 9 -15.69 -1.44 -5.70
C TRP B 9 -15.64 -0.23 -4.81
N GLN B 10 -14.66 -0.16 -3.90
CA GLN B 10 -14.39 1.06 -3.11
C GLN B 10 -13.00 1.64 -3.40
N SER B 11 -12.42 1.25 -4.53
CA SER B 11 -11.04 1.61 -4.87
C SER B 11 -10.97 2.95 -5.59
N SER B 12 -9.79 3.58 -5.57
CA SER B 12 -9.55 4.76 -6.39
C SER B 12 -9.62 4.43 -7.90
N HIS B 13 -9.15 3.24 -8.27
CA HIS B 13 -9.28 2.75 -9.65
C HIS B 13 -10.71 2.86 -10.12
N TYR B 14 -11.62 2.22 -9.40
CA TYR B 14 -13.03 2.20 -9.79
C TYR B 14 -13.67 3.58 -9.69
N LEU B 15 -13.46 4.25 -8.57
CA LEU B 15 -14.20 5.48 -8.26
C LEU B 15 -13.72 6.73 -9.03
N GLN B 16 -12.47 6.75 -9.47
N GLN B 16 -12.47 6.74 -9.48
CA GLN B 16 -11.91 7.89 -10.21
CA GLN B 16 -11.89 7.87 -10.20
C GLN B 16 -11.37 7.58 -11.62
C GLN B 16 -11.36 7.59 -11.61
N TRP B 17 -10.90 6.35 -11.86
CA TRP B 17 -10.21 6.01 -13.11
C TRP B 17 -10.90 5.03 -14.03
N ILE B 18 -12.20 4.82 -13.85
CA ILE B 18 -13.05 4.22 -14.87
C ILE B 18 -13.74 5.40 -15.53
N LEU B 19 -13.25 5.77 -16.71
CA LEU B 19 -13.62 7.03 -17.34
C LEU B 19 -14.79 6.84 -18.28
N ASP B 20 -15.45 7.96 -18.60
CA ASP B 20 -16.49 7.99 -19.62
C ASP B 20 -15.79 8.07 -20.99
N LYS B 21 -16.17 7.19 -21.91
CA LYS B 21 -15.58 7.15 -23.26
C LYS B 21 -15.66 8.49 -24.00
N GLN B 22 -16.76 9.21 -23.84
CA GLN B 22 -16.97 10.51 -24.49
C GLN B 22 -16.15 11.64 -23.87
N ASP B 23 -15.96 11.60 -22.54
CA ASP B 23 -15.02 12.50 -21.86
C ASP B 23 -13.57 12.27 -22.32
N LEU B 24 -13.21 11.00 -22.48
CA LEU B 24 -11.86 10.64 -22.92
C LEU B 24 -11.61 11.18 -24.34
N LEU B 25 -12.55 10.91 -25.25
CA LEU B 25 -12.48 11.39 -26.63
C LEU B 25 -12.51 12.92 -26.73
N LYS B 26 -13.28 13.58 -25.85
CA LYS B 26 -13.30 15.06 -25.78
C LYS B 26 -11.92 15.64 -25.43
N GLU B 27 -11.31 15.14 -24.36
CA GLU B 27 -9.93 15.54 -23.98
C GLU B 27 -8.88 15.25 -25.06
N ARG B 28 -9.10 14.19 -25.83
CA ARG B 28 -8.18 13.76 -26.89
C ARG B 28 -8.12 14.69 -28.11
N GLN B 29 -9.19 15.47 -28.34
CA GLN B 29 -9.31 16.32 -29.54
C GLN B 29 -8.17 17.32 -29.70
N LYS B 30 -7.63 17.80 -28.58
CA LYS B 30 -6.47 18.71 -28.58
C LYS B 30 -5.29 18.13 -29.36
N ASP B 31 -4.97 16.86 -29.12
CA ASP B 31 -3.92 16.16 -29.86
C ASP B 31 -4.31 15.68 -31.26
N LEU B 32 -5.62 15.54 -31.52
CA LEU B 32 -6.10 15.15 -32.86
C LEU B 32 -6.04 16.26 -33.91
N LYS B 33 -5.70 17.48 -33.49
CA LYS B 33 -5.36 18.57 -34.41
C LYS B 33 -4.04 18.29 -35.16
N PHE B 34 -3.15 17.53 -34.52
CA PHE B 34 -1.84 17.17 -35.08
C PHE B 34 -1.78 15.76 -35.68
N LEU B 35 -2.53 14.84 -35.08
CA LEU B 35 -2.51 13.42 -35.45
C LEU B 35 -3.93 12.95 -35.81
N SER B 36 -4.03 12.02 -36.75
CA SER B 36 -5.30 11.32 -36.99
C SER B 36 -5.62 10.40 -35.82
N GLU B 37 -6.89 9.97 -35.72
CA GLU B 37 -7.32 8.99 -34.70
C GLU B 37 -6.54 7.67 -34.81
N GLU B 38 -6.28 7.25 -36.04
CA GLU B 38 -5.49 6.06 -36.31
C GLU B 38 -4.05 6.25 -35.82
N GLU B 39 -3.46 7.41 -36.13
CA GLU B 39 -2.08 7.73 -35.72
C GLU B 39 -1.91 7.80 -34.22
N TYR B 40 -2.91 8.35 -33.52
CA TYR B 40 -2.92 8.40 -32.06
C TYR B 40 -2.94 7.00 -31.44
N TRP B 41 -3.76 6.11 -32.00
CA TRP B 41 -3.83 4.71 -31.54
C TRP B 41 -2.53 3.99 -31.79
N LYS B 42 -1.96 4.16 -32.98
CA LYS B 42 -0.62 3.61 -33.28
C LYS B 42 0.45 4.10 -32.29
N LEU B 43 0.38 5.38 -31.93
CA LEU B 43 1.26 5.98 -30.92
C LEU B 43 1.07 5.33 -29.53
N GLN B 44 -0.19 5.07 -29.14
CA GLN B 44 -0.51 4.33 -27.91
C GLN B 44 0.08 2.91 -27.90
N ILE B 45 -0.08 2.21 -29.03
CA ILE B 45 0.48 0.86 -29.21
C ILE B 45 2.00 0.90 -29.05
N PHE B 46 2.64 1.83 -29.73
CA PHE B 46 4.11 1.98 -29.69
C PHE B 46 4.61 2.15 -28.26
N PHE B 47 4.05 3.09 -27.52
CA PHE B 47 4.52 3.32 -26.14
C PHE B 47 4.17 2.19 -25.16
N THR B 48 3.08 1.46 -25.40
CA THR B 48 2.84 0.20 -24.68
C THR B 48 4.00 -0.79 -24.91
N ASN B 49 4.42 -0.94 -26.16
CA ASN B 49 5.56 -1.80 -26.49
C ASN B 49 6.88 -1.32 -25.87
N VAL B 50 7.08 -0.01 -25.83
CA VAL B 50 8.25 0.57 -25.17
C VAL B 50 8.28 0.18 -23.69
N ILE B 51 7.15 0.38 -23.02
CA ILE B 51 7.06 0.11 -21.59
C ILE B 51 7.30 -1.38 -21.30
N GLN B 52 6.71 -2.26 -22.11
CA GLN B 52 6.93 -3.71 -22.04
C GLN B 52 8.42 -4.09 -22.16
N ALA B 53 9.10 -3.55 -23.17
CA ALA B 53 10.54 -3.78 -23.37
C ALA B 53 11.38 -3.26 -22.20
N LEU B 54 11.05 -2.07 -21.69
CA LEU B 54 11.75 -1.55 -20.50
C LEU B 54 11.62 -2.50 -19.30
N GLY B 55 10.39 -2.97 -19.06
CA GLY B 55 10.12 -3.87 -17.96
C GLY B 55 10.78 -5.22 -18.09
N GLU B 56 10.78 -5.77 -19.30
CA GLU B 56 11.45 -7.05 -19.59
C GLU B 56 12.96 -6.96 -19.35
N HIS B 57 13.56 -5.86 -19.82
CA HIS B 57 14.99 -5.59 -19.62
C HIS B 57 15.33 -5.45 -18.15
N LEU B 58 14.43 -4.84 -17.39
CA LEU B 58 14.58 -4.71 -15.93
C LEU B 58 14.18 -5.97 -15.14
N LYS B 59 13.65 -6.99 -15.82
CA LYS B 59 13.21 -8.26 -15.20
C LYS B 59 12.08 -8.05 -14.19
N LEU B 60 11.14 -7.18 -14.53
CA LEU B 60 9.97 -6.92 -13.69
C LEU B 60 8.85 -7.88 -14.04
N ARG B 61 8.05 -8.25 -13.04
CA ARG B 61 6.86 -9.08 -13.25
C ARG B 61 5.83 -8.34 -14.11
N GLN B 62 5.01 -9.08 -14.84
CA GLN B 62 4.05 -8.49 -15.78
C GLN B 62 3.08 -7.51 -15.11
N GLN B 63 2.68 -7.79 -13.88
CA GLN B 63 1.80 -6.88 -13.12
C GLN B 63 2.40 -5.48 -12.87
N VAL B 64 3.72 -5.41 -12.65
CA VAL B 64 4.41 -4.12 -12.50
C VAL B 64 4.43 -3.36 -13.83
N ILE B 65 4.71 -4.08 -14.91
CA ILE B 65 4.69 -3.52 -16.27
C ILE B 65 3.28 -2.99 -16.61
N ALA B 66 2.27 -3.77 -16.26
CA ALA B 66 0.88 -3.37 -16.50
C ALA B 66 0.53 -2.12 -15.71
N THR B 67 0.95 -2.06 -14.45
CA THR B 67 0.74 -0.85 -13.65
C THR B 67 1.42 0.37 -14.27
N ALA B 68 2.66 0.21 -14.72
CA ALA B 68 3.38 1.29 -15.40
C ALA B 68 2.63 1.77 -16.66
N THR B 69 2.12 0.80 -17.43
CA THR B 69 1.33 1.08 -18.62
C THR B 69 0.06 1.88 -18.32
N VAL B 70 -0.66 1.53 -17.26
N VAL B 70 -0.64 1.51 -17.25
CA VAL B 70 -1.88 2.26 -16.88
CA VAL B 70 -1.85 2.23 -16.83
C VAL B 70 -1.56 3.67 -16.36
C VAL B 70 -1.55 3.65 -16.38
N TYR B 71 -0.44 3.84 -15.65
CA TYR B 71 0.01 5.20 -15.24
C TYR B 71 0.22 6.09 -16.47
N PHE B 72 0.89 5.55 -17.49
CA PHE B 72 1.15 6.24 -18.75
C PHE B 72 -0.19 6.62 -19.42
N LYS B 73 -1.09 5.66 -19.56
CA LYS B 73 -2.40 5.92 -20.18
C LYS B 73 -3.21 6.96 -19.43
N ARG B 74 -3.23 6.83 -18.10
CA ARG B 74 -3.94 7.79 -17.25
C ARG B 74 -3.41 9.20 -17.44
N PHE B 75 -2.10 9.34 -17.53
CA PHE B 75 -1.50 10.66 -17.70
C PHE B 75 -1.97 11.31 -18.99
N TYR B 76 -1.89 10.56 -20.09
CA TYR B 76 -2.26 11.08 -21.41
C TYR B 76 -3.75 11.00 -21.75
N ALA B 77 -4.56 10.33 -20.92
CA ALA B 77 -6.03 10.47 -20.96
C ALA B 77 -6.47 11.88 -20.58
N ARG B 78 -5.68 12.49 -19.71
CA ARG B 78 -5.99 13.79 -19.12
C ARG B 78 -5.22 14.93 -19.80
N TYR B 79 -3.95 14.70 -20.13
CA TYR B 79 -3.06 15.76 -20.65
C TYR B 79 -2.56 15.47 -22.06
N SER B 80 -2.09 16.52 -22.73
CA SER B 80 -1.58 16.41 -24.09
C SER B 80 -0.23 15.71 -24.13
N LEU B 81 0.05 15.08 -25.28
CA LEU B 81 1.35 14.47 -25.56
C LEU B 81 2.50 15.49 -25.50
N LYS B 82 2.20 16.77 -25.75
CA LYS B 82 3.19 17.84 -25.68
C LYS B 82 3.56 18.26 -24.25
N SER B 83 2.73 17.92 -23.26
CA SER B 83 2.92 18.39 -21.88
C SER B 83 4.25 17.91 -21.29
N ILE B 84 4.47 16.60 -21.36
CA ILE B 84 5.75 15.98 -21.00
C ILE B 84 6.09 14.96 -22.09
N ASP B 85 7.36 14.91 -22.49
CA ASP B 85 7.82 14.01 -23.54
C ASP B 85 7.49 12.57 -23.15
N PRO B 86 6.71 11.83 -23.97
CA PRO B 86 6.45 10.42 -23.63
C PRO B 86 7.69 9.51 -23.54
N VAL B 87 8.78 9.89 -24.20
CA VAL B 87 10.08 9.21 -24.07
C VAL B 87 10.61 9.30 -22.63
N LEU B 88 10.34 10.41 -21.96
CA LEU B 88 10.66 10.58 -20.55
C LEU B 88 9.62 9.92 -19.63
N MET B 89 8.34 10.08 -19.98
CA MET B 89 7.25 9.55 -19.14
C MET B 89 7.27 8.02 -18.99
N ALA B 90 7.60 7.31 -20.07
CA ALA B 90 7.55 5.83 -20.06
C ALA B 90 8.48 5.21 -19.00
N PRO B 91 9.78 5.56 -19.00
CA PRO B 91 10.66 5.07 -17.93
C PRO B 91 10.29 5.57 -16.54
N THR B 92 9.75 6.79 -16.45
CA THR B 92 9.26 7.32 -15.19
C THR B 92 8.12 6.45 -14.64
N CYS B 93 7.18 6.07 -15.51
CA CYS B 93 6.06 5.22 -15.08
C CYS B 93 6.55 3.85 -14.58
N VAL B 94 7.53 3.28 -15.26
CA VAL B 94 8.15 2.02 -14.84
C VAL B 94 8.83 2.19 -13.48
N PHE B 95 9.56 3.29 -13.30
CA PHE B 95 10.25 3.60 -12.05
C PHE B 95 9.27 3.67 -10.87
N LEU B 96 8.19 4.43 -11.02
CA LEU B 96 7.21 4.62 -9.95
C LEU B 96 6.46 3.32 -9.63
N ALA B 97 6.01 2.63 -10.67
CA ALA B 97 5.37 1.31 -10.54
C ALA B 97 6.23 0.30 -9.78
N SER B 98 7.53 0.29 -10.05
N SER B 98 7.53 0.30 -10.05
CA SER B 98 8.45 -0.60 -9.35
CA SER B 98 8.46 -0.60 -9.37
C SER B 98 8.51 -0.33 -7.85
C SER B 98 8.55 -0.32 -7.86
N LYS B 99 8.41 0.94 -7.46
CA LYS B 99 8.45 1.33 -6.03
C LYS B 99 7.16 1.06 -5.26
N VAL B 100 6.02 1.02 -5.96
CA VAL B 100 4.74 0.63 -5.34
C VAL B 100 4.76 -0.84 -4.91
N GLU B 101 5.59 -1.65 -5.57
CA GLU B 101 5.86 -3.02 -5.18
C GLU B 101 7.05 -3.09 -4.20
N GLU B 102 7.19 -4.24 -3.55
CA GLU B 102 8.06 -4.39 -2.40
C GLU B 102 9.24 -5.37 -2.58
N PHE B 103 9.14 -6.28 -3.54
CA PHE B 103 10.15 -7.31 -3.79
C PHE B 103 11.18 -6.82 -4.81
N GLY B 104 12.20 -6.12 -4.30
CA GLY B 104 13.27 -5.54 -5.12
C GLY B 104 13.04 -4.08 -5.47
N VAL B 105 14.13 -3.37 -5.77
CA VAL B 105 14.08 -1.96 -6.19
C VAL B 105 14.90 -1.75 -7.47
N VAL B 106 14.45 -0.81 -8.32
CA VAL B 106 15.20 -0.38 -9.51
C VAL B 106 16.06 0.82 -9.15
N SER B 107 17.40 0.65 -9.21
CA SER B 107 18.33 1.75 -8.93
C SER B 107 18.35 2.79 -10.05
N ASN B 108 18.95 3.94 -9.76
CA ASN B 108 18.98 5.09 -10.66
C ASN B 108 19.77 4.82 -11.95
N THR B 109 21.00 4.32 -11.79
CA THR B 109 21.86 4.00 -12.93
C THR B 109 21.29 2.85 -13.77
N ARG B 110 20.63 1.91 -13.10
CA ARG B 110 20.00 0.76 -13.77
C ARG B 110 18.78 1.15 -14.62
N LEU B 111 17.98 2.09 -14.12
CA LEU B 111 16.85 2.64 -14.89
C LEU B 111 17.33 3.40 -16.13
N ILE B 112 18.30 4.29 -15.94
CA ILE B 112 18.84 5.10 -17.05
C ILE B 112 19.57 4.22 -18.07
N ALA B 113 20.35 3.27 -17.59
CA ALA B 113 20.99 2.27 -18.47
C ALA B 113 19.99 1.44 -19.26
N ALA B 114 18.88 1.06 -18.62
CA ALA B 114 17.82 0.29 -19.28
C ALA B 114 17.11 1.10 -20.36
N ALA B 115 16.79 2.35 -20.04
CA ALA B 115 16.16 3.27 -21.00
C ALA B 115 17.04 3.47 -22.23
N THR B 116 18.33 3.75 -22.00
CA THR B 116 19.30 3.94 -23.08
C THR B 116 19.48 2.69 -23.95
N SER B 117 19.65 1.55 -23.31
CA SER B 117 19.92 0.28 -24.00
C SER B 117 18.69 -0.22 -24.76
N VAL B 118 17.53 -0.20 -24.12
CA VAL B 118 16.29 -0.64 -24.76
C VAL B 118 15.93 0.21 -25.99
N LEU B 119 16.00 1.54 -25.88
CA LEU B 119 15.70 2.40 -27.03
C LEU B 119 16.69 2.22 -28.19
N LYS B 120 17.97 2.00 -27.87
CA LYS B 120 19.01 1.79 -28.87
C LYS B 120 18.86 0.43 -29.58
N THR B 121 18.69 -0.63 -28.79
CA THR B 121 18.72 -2.00 -29.33
C THR B 121 17.39 -2.47 -29.91
N ARG B 122 16.26 -1.94 -29.42
CA ARG B 122 14.94 -2.41 -29.86
C ARG B 122 14.05 -1.37 -30.54
N PHE B 123 14.44 -0.10 -30.53
CA PHE B 123 13.59 0.99 -31.07
C PHE B 123 14.34 2.02 -31.91
N SER B 124 15.46 1.64 -32.53
CA SER B 124 16.23 2.58 -33.37
C SER B 124 15.48 2.97 -34.66
N TYR B 125 14.49 2.18 -35.06
CA TYR B 125 13.57 2.58 -36.14
C TYR B 125 12.78 3.85 -35.83
N ALA B 126 12.43 4.05 -34.56
CA ALA B 126 11.72 5.26 -34.11
C ALA B 126 12.66 6.41 -33.73
N PHE B 127 13.78 6.07 -33.09
CA PHE B 127 14.64 7.05 -32.41
C PHE B 127 16.07 7.08 -32.99
N PRO B 128 16.43 8.15 -33.73
CA PRO B 128 17.80 8.24 -34.26
C PRO B 128 18.87 8.57 -33.20
N LYS B 129 18.51 9.40 -32.21
CA LYS B 129 19.43 9.82 -31.16
C LYS B 129 19.25 8.96 -29.91
N GLU B 130 20.30 8.89 -29.09
CA GLU B 130 20.25 8.15 -27.83
C GLU B 130 19.34 8.84 -26.81
N PHE B 131 18.90 8.06 -25.82
CA PHE B 131 18.12 8.57 -24.69
C PHE B 131 18.82 9.78 -24.05
N PRO B 132 18.23 10.99 -24.17
CA PRO B 132 18.91 12.23 -23.74
C PRO B 132 18.73 12.61 -22.28
N TYR B 133 17.83 11.95 -21.56
CA TYR B 133 17.48 12.34 -20.20
C TYR B 133 18.36 11.65 -19.15
N ARG B 134 18.61 12.36 -18.06
CA ARG B 134 19.35 11.84 -16.92
C ARG B 134 18.38 11.62 -15.76
N MET B 135 18.90 11.10 -14.65
CA MET B 135 18.04 10.72 -13.55
C MET B 135 17.26 11.89 -12.92
N ASN B 136 17.86 13.08 -12.87
CA ASN B 136 17.14 14.27 -12.37
C ASN B 136 15.85 14.60 -13.15
N HIS B 137 15.84 14.30 -14.45
CA HIS B 137 14.63 14.45 -15.26
C HIS B 137 13.57 13.43 -14.90
N ILE B 138 13.99 12.20 -14.62
CA ILE B 138 13.06 11.14 -14.17
C ILE B 138 12.42 11.54 -12.84
N LEU B 139 13.25 11.98 -11.89
CA LEU B 139 12.77 12.35 -10.56
C LEU B 139 11.82 13.54 -10.60
N GLU B 140 12.11 14.53 -11.44
CA GLU B 140 11.22 15.68 -11.65
C GLU B 140 9.90 15.19 -12.25
N CYS B 141 10.00 14.43 -13.34
CA CYS B 141 8.82 13.85 -14.01
C CYS B 141 7.93 12.99 -13.08
N GLU B 142 8.56 12.26 -12.17
CA GLU B 142 7.87 11.41 -11.19
C GLU B 142 6.93 12.20 -10.27
N PHE B 143 7.40 13.36 -9.81
CA PHE B 143 6.58 14.27 -9.00
C PHE B 143 5.33 14.74 -9.75
N TYR B 144 5.49 15.09 -11.03
CA TYR B 144 4.37 15.49 -11.87
C TYR B 144 3.41 14.33 -12.07
N LEU B 145 3.95 13.14 -12.34
CA LEU B 145 3.14 11.94 -12.55
C LEU B 145 2.27 11.63 -11.34
N LEU B 146 2.91 11.54 -10.17
CA LEU B 146 2.21 11.23 -8.93
C LEU B 146 1.10 12.23 -8.63
N GLU B 147 1.44 13.51 -8.68
CA GLU B 147 0.48 14.62 -8.47
C GLU B 147 -0.71 14.54 -9.44
N LEU B 148 -0.40 14.35 -10.71
CA LEU B 148 -1.40 14.43 -11.75
C LEU B 148 -2.26 13.16 -11.87
N MET B 149 -1.81 12.07 -11.25
CA MET B 149 -2.67 10.90 -11.02
C MET B 149 -3.48 10.97 -9.72
N ASP B 150 -3.44 12.13 -9.05
CA ASP B 150 -4.09 12.35 -7.76
C ASP B 150 -3.61 11.32 -6.72
N CYS B 151 -2.32 10.99 -6.79
CA CYS B 151 -1.68 9.98 -5.95
C CYS B 151 -2.35 8.59 -5.95
N CYS B 152 -3.03 8.25 -7.04
CA CYS B 152 -3.66 6.94 -7.17
C CYS B 152 -2.63 5.97 -7.71
N LEU B 153 -2.19 5.04 -6.87
CA LEU B 153 -1.08 4.12 -7.21
C LEU B 153 -1.50 2.65 -7.33
N ILE B 154 -2.47 2.19 -6.54
CA ILE B 154 -2.89 0.79 -6.61
C ILE B 154 -3.79 0.60 -7.83
N VAL B 155 -3.37 -0.28 -8.75
CA VAL B 155 -4.11 -0.55 -9.98
C VAL B 155 -4.50 -2.03 -10.03
N TYR B 156 -5.76 -2.31 -10.38
CA TYR B 156 -6.25 -3.68 -10.56
C TYR B 156 -6.09 -4.08 -12.03
N HIS B 157 -5.74 -5.34 -12.27
CA HIS B 157 -5.50 -5.85 -13.63
C HIS B 157 -6.30 -7.12 -13.88
N PRO B 158 -6.45 -7.52 -15.17
CA PRO B 158 -7.24 -8.72 -15.47
C PRO B 158 -6.60 -10.06 -15.17
N TYR B 159 -5.31 -10.08 -14.81
CA TYR B 159 -4.56 -11.32 -14.64
C TYR B 159 -5.08 -12.17 -13.49
N ARG B 160 -5.35 -11.52 -12.35
CA ARG B 160 -5.85 -12.22 -11.16
C ARG B 160 -7.25 -12.83 -11.36
N PRO B 161 -8.25 -12.04 -11.82
CA PRO B 161 -9.55 -12.67 -12.14
C PRO B 161 -9.49 -13.73 -13.24
N LEU B 162 -8.68 -13.50 -14.29
CA LEU B 162 -8.47 -14.51 -15.34
C LEU B 162 -8.04 -15.85 -14.77
N LEU B 163 -7.04 -15.82 -13.89
CA LEU B 163 -6.52 -17.03 -13.23
C LEU B 163 -7.61 -17.76 -12.48
N GLN B 164 -8.46 -17.00 -11.78
CA GLN B 164 -9.59 -17.59 -11.05
C GLN B 164 -10.61 -18.20 -12.01
N TYR B 165 -10.89 -17.53 -13.13
CA TYR B 165 -11.87 -18.05 -14.09
C TYR B 165 -11.39 -19.33 -14.75
N VAL B 166 -10.12 -19.35 -15.19
CA VAL B 166 -9.55 -20.52 -15.85
C VAL B 166 -9.43 -21.72 -14.91
N GLN B 167 -9.08 -21.47 -13.65
CA GLN B 167 -9.14 -22.50 -12.59
C GLN B 167 -10.55 -23.07 -12.44
N ASP B 168 -11.54 -22.17 -12.39
CA ASP B 168 -12.97 -22.54 -12.28
C ASP B 168 -13.46 -23.37 -13.47
N MET B 169 -13.01 -23.02 -14.68
CA MET B 169 -13.26 -23.83 -15.88
C MET B 169 -12.64 -25.23 -15.82
N GLY B 170 -11.48 -25.33 -15.15
CA GLY B 170 -10.67 -26.54 -15.19
C GLY B 170 -9.92 -26.67 -16.50
N GLN B 171 -9.48 -25.52 -17.04
CA GLN B 171 -8.85 -25.45 -18.37
C GLN B 171 -7.56 -24.61 -18.35
N GLU B 172 -6.73 -24.86 -17.35
CA GLU B 172 -5.50 -24.06 -17.14
C GLU B 172 -4.46 -24.31 -18.24
N ASP B 173 -4.20 -25.58 -18.55
CA ASP B 173 -3.22 -25.93 -19.58
C ASP B 173 -3.70 -25.54 -20.97
N MET B 174 -5.00 -25.75 -21.22
CA MET B 174 -5.62 -25.39 -22.50
C MET B 174 -5.64 -23.89 -22.78
N LEU B 175 -6.29 -23.13 -21.89
CA LEU B 175 -6.70 -21.75 -22.20
C LEU B 175 -5.84 -20.63 -21.57
N LEU B 176 -5.14 -20.89 -20.47
CA LEU B 176 -4.47 -19.81 -19.73
C LEU B 176 -3.36 -19.09 -20.51
N PRO B 177 -2.41 -19.83 -21.13
CA PRO B 177 -1.35 -19.14 -21.90
C PRO B 177 -1.91 -18.20 -22.97
N LEU B 178 -2.86 -18.66 -23.77
CA LEU B 178 -3.48 -17.81 -24.80
C LEU B 178 -4.28 -16.64 -24.20
N ALA B 179 -5.15 -16.92 -23.23
CA ALA B 179 -5.96 -15.86 -22.59
C ALA B 179 -5.09 -14.79 -21.92
N TRP B 180 -3.99 -15.20 -21.30
CA TRP B 180 -3.02 -14.30 -20.67
C TRP B 180 -2.40 -13.38 -21.69
N ARG B 181 -1.97 -13.95 -22.81
CA ARG B 181 -1.38 -13.19 -23.92
C ARG B 181 -2.38 -12.17 -24.51
N ILE B 182 -3.66 -12.55 -24.58
CA ILE B 182 -4.71 -11.64 -25.05
C ILE B 182 -4.92 -10.52 -24.01
N VAL B 183 -4.84 -10.84 -22.72
CA VAL B 183 -4.84 -9.78 -21.69
C VAL B 183 -3.70 -8.79 -21.94
N ASN B 184 -2.49 -9.29 -22.22
CA ASN B 184 -1.36 -8.39 -22.54
C ASN B 184 -1.72 -7.45 -23.69
N ASP B 185 -2.33 -8.03 -24.73
CA ASP B 185 -2.75 -7.29 -25.91
C ASP B 185 -3.77 -6.18 -25.63
N THR B 186 -4.64 -6.37 -24.64
CA THR B 186 -5.64 -5.33 -24.31
C THR B 186 -5.02 -4.01 -23.88
N TYR B 187 -3.79 -4.03 -23.36
CA TYR B 187 -3.07 -2.81 -23.00
C TYR B 187 -2.63 -1.95 -24.20
N ARG B 188 -2.73 -2.52 -25.40
CA ARG B 188 -2.59 -1.74 -26.63
C ARG B 188 -3.88 -0.98 -27.00
N THR B 189 -4.91 -0.99 -26.12
CA THR B 189 -6.17 -0.25 -26.31
C THR B 189 -6.50 0.59 -25.07
N ASP B 190 -7.62 1.32 -25.12
CA ASP B 190 -8.16 2.09 -23.98
C ASP B 190 -8.96 1.28 -22.93
N LEU B 191 -9.11 -0.03 -23.14
CA LEU B 191 -10.01 -0.84 -22.31
C LEU B 191 -9.81 -0.73 -20.78
N CYS B 192 -8.56 -0.66 -20.34
CA CYS B 192 -8.23 -0.52 -18.91
C CYS B 192 -8.74 0.80 -18.28
N LEU B 193 -9.00 1.81 -19.11
CA LEU B 193 -9.60 3.08 -18.67
C LEU B 193 -11.13 3.07 -18.68
N LEU B 194 -11.74 2.03 -19.26
CA LEU B 194 -13.17 2.00 -19.53
C LEU B 194 -13.97 0.90 -18.82
N TYR B 195 -13.33 -0.24 -18.54
CA TYR B 195 -14.03 -1.41 -18.00
C TYR B 195 -13.31 -1.97 -16.77
N PRO B 196 -14.08 -2.47 -15.79
CA PRO B 196 -13.48 -3.22 -14.69
C PRO B 196 -12.62 -4.40 -15.21
N PRO B 197 -11.48 -4.68 -14.55
CA PRO B 197 -10.57 -5.71 -15.07
C PRO B 197 -11.17 -7.12 -15.26
N PHE B 198 -12.08 -7.53 -14.36
CA PHE B 198 -12.71 -8.84 -14.47
C PHE B 198 -13.52 -9.00 -15.78
N MET B 199 -14.16 -7.91 -16.22
CA MET B 199 -14.86 -7.90 -17.51
C MET B 199 -13.89 -8.07 -18.68
N ILE B 200 -12.74 -7.40 -18.61
CA ILE B 200 -11.69 -7.54 -19.62
C ILE B 200 -11.15 -8.98 -19.63
N ALA B 201 -10.95 -9.55 -18.44
CA ALA B 201 -10.55 -10.96 -18.28
C ALA B 201 -11.50 -11.95 -18.97
N LEU B 202 -12.80 -11.75 -18.75
CA LEU B 202 -13.84 -12.62 -19.33
C LEU B 202 -13.85 -12.54 -20.87
N ALA B 203 -13.72 -11.32 -21.39
CA ALA B 203 -13.63 -11.09 -22.82
C ALA B 203 -12.40 -11.78 -23.45
N CYS B 204 -11.24 -11.64 -22.80
CA CYS B 204 -10.02 -12.33 -23.25
C CYS B 204 -10.16 -13.84 -23.22
N LEU B 205 -10.78 -14.36 -22.16
CA LEU B 205 -11.05 -15.80 -22.04
C LEU B 205 -12.01 -16.31 -23.12
N HIS B 206 -13.01 -15.49 -23.47
CA HIS B 206 -13.95 -15.82 -24.54
C HIS B 206 -13.27 -15.94 -25.87
N VAL B 207 -12.41 -14.97 -26.18
CA VAL B 207 -11.65 -14.99 -27.44
C VAL B 207 -10.68 -16.19 -27.48
N ALA B 208 -10.06 -16.50 -26.34
CA ALA B 208 -9.22 -17.69 -26.22
C ALA B 208 -10.00 -18.97 -26.53
N CYS B 209 -11.22 -19.07 -25.99
CA CYS B 209 -12.10 -20.23 -26.27
C CYS B 209 -12.51 -20.37 -27.73
N VAL B 210 -12.79 -19.25 -28.38
CA VAL B 210 -13.16 -19.24 -29.81
C VAL B 210 -11.97 -19.66 -30.67
N VAL B 211 -10.80 -19.08 -30.40
CA VAL B 211 -9.57 -19.43 -31.13
C VAL B 211 -9.25 -20.93 -31.04
N GLN B 212 -9.35 -21.49 -29.83
N GLN B 212 -9.35 -21.48 -29.82
CA GLN B 212 -9.06 -22.90 -29.58
CA GLN B 212 -9.07 -22.91 -29.57
C GLN B 212 -10.25 -23.86 -29.78
C GLN B 212 -10.24 -23.86 -29.80
N GLN B 213 -11.37 -23.35 -30.29
CA GLN B 213 -12.61 -24.14 -30.53
C GLN B 213 -13.15 -24.88 -29.28
N LYS B 214 -12.99 -24.24 -28.12
CA LYS B 214 -13.50 -24.78 -26.86
C LYS B 214 -14.91 -24.24 -26.66
N ASP B 215 -15.87 -25.15 -26.49
CA ASP B 215 -17.26 -24.77 -26.19
C ASP B 215 -17.35 -24.42 -24.70
N ALA B 216 -17.60 -23.14 -24.40
CA ALA B 216 -17.75 -22.67 -23.03
C ALA B 216 -19.03 -21.84 -22.85
N ARG B 217 -20.02 -22.04 -23.73
CA ARG B 217 -21.26 -21.26 -23.74
C ARG B 217 -22.03 -21.38 -22.42
N GLN B 218 -22.16 -22.62 -21.94
CA GLN B 218 -22.83 -22.91 -20.66
C GLN B 218 -22.13 -22.27 -19.46
N TRP B 219 -20.79 -22.29 -19.47
CA TRP B 219 -20.00 -21.65 -18.40
C TRP B 219 -20.17 -20.15 -18.40
N PHE B 220 -20.07 -19.52 -19.58
CA PHE B 220 -20.32 -18.08 -19.74
C PHE B 220 -21.79 -17.71 -19.43
N ALA B 221 -22.72 -18.64 -19.65
CA ALA B 221 -24.13 -18.48 -19.26
C ALA B 221 -24.31 -18.47 -17.73
N GLU B 222 -23.57 -19.34 -17.04
CA GLU B 222 -23.62 -19.42 -15.56
C GLU B 222 -23.12 -18.17 -14.79
N LEU B 223 -22.44 -17.26 -15.48
CA LEU B 223 -21.99 -16.01 -14.88
C LEU B 223 -23.13 -15.01 -14.77
N SER B 224 -23.22 -14.31 -13.64
CA SER B 224 -24.14 -13.18 -13.49
C SER B 224 -23.37 -11.91 -13.87
N VAL B 225 -23.37 -11.61 -15.17
CA VAL B 225 -22.64 -10.46 -15.71
C VAL B 225 -23.36 -9.90 -16.93
N ASP B 226 -23.21 -8.59 -17.14
CA ASP B 226 -23.70 -7.92 -18.35
C ASP B 226 -22.88 -8.38 -19.57
N MET B 227 -23.43 -9.36 -20.30
CA MET B 227 -22.76 -9.92 -21.48
C MET B 227 -22.64 -8.95 -22.66
N GLU B 228 -23.52 -7.95 -22.71
CA GLU B 228 -23.44 -6.91 -23.73
C GLU B 228 -22.13 -6.12 -23.62
N LYS B 229 -21.73 -5.81 -22.39
CA LYS B 229 -20.45 -5.15 -22.14
C LYS B 229 -19.25 -6.06 -22.48
N ILE B 230 -19.38 -7.36 -22.20
CA ILE B 230 -18.34 -8.32 -22.57
C ILE B 230 -18.16 -8.36 -24.09
N LEU B 231 -19.28 -8.36 -24.82
CA LEU B 231 -19.26 -8.32 -26.29
C LEU B 231 -18.63 -7.02 -26.84
N GLU B 232 -18.95 -5.88 -26.22
CA GLU B 232 -18.27 -4.60 -26.53
C GLU B 232 -16.75 -4.72 -26.44
N ILE B 233 -16.27 -5.37 -25.38
CA ILE B 233 -14.84 -5.57 -25.14
C ILE B 233 -14.24 -6.51 -26.18
N ILE B 234 -14.95 -7.61 -26.48
CA ILE B 234 -14.54 -8.56 -27.53
C ILE B 234 -14.37 -7.84 -28.87
N ARG B 235 -15.30 -6.95 -29.21
CA ARG B 235 -15.24 -6.22 -30.48
C ARG B 235 -14.00 -5.33 -30.58
N VAL B 236 -13.62 -4.71 -29.46
CA VAL B 236 -12.37 -3.92 -29.42
C VAL B 236 -11.13 -4.82 -29.61
N ILE B 237 -11.14 -6.00 -28.99
CA ILE B 237 -10.02 -6.96 -29.12
C ILE B 237 -9.90 -7.44 -30.58
N LEU B 238 -11.03 -7.81 -31.18
CA LEU B 238 -11.05 -8.17 -32.60
C LEU B 238 -10.61 -7.02 -33.50
N LYS B 239 -10.98 -5.79 -33.13
CA LYS B 239 -10.55 -4.61 -33.90
C LYS B 239 -9.05 -4.36 -33.77
N LEU B 240 -8.50 -4.58 -32.57
CA LEU B 240 -7.06 -4.45 -32.36
C LEU B 240 -6.27 -5.39 -33.27
N TYR B 241 -6.73 -6.63 -33.42
CA TYR B 241 -6.03 -7.60 -34.28
C TYR B 241 -6.06 -7.22 -35.76
N GLU B 242 -7.13 -6.57 -36.21
CA GLU B 242 -7.19 -6.05 -37.57
C GLU B 242 -6.26 -4.84 -37.78
N GLN B 243 -6.24 -3.93 -36.80
CA GLN B 243 -5.29 -2.81 -36.83
C GLN B 243 -3.83 -3.30 -36.84
N TRP B 244 -3.52 -4.22 -35.93
CA TRP B 244 -2.20 -4.90 -35.83
C TRP B 244 -1.74 -5.40 -37.18
N LYS B 245 -2.61 -6.15 -37.87
CA LYS B 245 -2.34 -6.65 -39.22
C LYS B 245 -1.98 -5.54 -40.21
N ASN B 246 -2.72 -4.43 -40.14
CA ASN B 246 -2.57 -3.32 -41.10
C ASN B 246 -1.51 -2.30 -40.71
N PHE B 247 -1.00 -2.40 -39.49
CA PHE B 247 -0.03 -1.47 -38.91
C PHE B 247 1.36 -2.08 -39.07
N ASP B 248 2.28 -1.37 -39.72
CA ASP B 248 3.72 -1.68 -39.60
C ASP B 248 4.37 -0.61 -38.74
N GLU B 249 4.37 -0.89 -37.45
CA GLU B 249 5.01 -0.07 -36.43
C GLU B 249 6.41 0.43 -36.82
N ARG B 250 7.23 -0.48 -37.31
N ARG B 250 7.24 -0.49 -37.29
CA ARG B 250 8.62 -0.17 -37.62
CA ARG B 250 8.62 -0.20 -37.64
C ARG B 250 8.78 0.79 -38.80
C ARG B 250 8.77 0.78 -38.80
N LYS B 251 7.89 0.68 -39.80
CA LYS B 251 7.92 1.56 -40.97
C LYS B 251 7.26 2.92 -40.73
N GLU B 252 6.33 3.01 -39.78
CA GLU B 252 5.48 4.18 -39.64
C GLU B 252 5.82 5.12 -38.47
N MET B 253 6.44 4.61 -37.41
CA MET B 253 6.51 5.36 -36.15
C MET B 253 7.38 6.62 -36.17
N ALA B 254 8.49 6.61 -36.91
CA ALA B 254 9.33 7.80 -37.01
C ALA B 254 8.53 8.98 -37.57
N THR B 255 7.74 8.72 -38.61
CA THR B 255 6.85 9.71 -39.20
C THR B 255 5.77 10.19 -38.22
N ILE B 256 5.12 9.25 -37.54
CA ILE B 256 4.07 9.57 -36.57
C ILE B 256 4.63 10.38 -35.40
N LEU B 257 5.80 9.96 -34.87
CA LEU B 257 6.49 10.70 -33.81
C LEU B 257 6.84 12.13 -34.20
N SER B 258 7.24 12.36 -35.46
CA SER B 258 7.54 13.72 -35.94
C SER B 258 6.28 14.60 -36.02
N LYS B 259 5.12 13.99 -36.25
CA LYS B 259 3.85 14.71 -36.27
C LYS B 259 3.34 15.09 -34.87
N MET B 260 3.78 14.37 -33.83
CA MET B 260 3.36 14.67 -32.45
C MET B 260 3.62 16.14 -32.11
N PRO B 261 2.72 16.76 -31.35
CA PRO B 261 3.05 18.07 -30.82
C PRO B 261 4.16 17.93 -29.76
N LYS B 262 5.09 18.87 -29.75
CA LYS B 262 6.28 18.79 -28.90
C LYS B 262 6.22 19.88 -27.80
N PRO B 263 6.84 19.61 -26.63
CA PRO B 263 6.93 20.62 -25.56
C PRO B 263 7.53 21.94 -26.04
N LYS B 264 6.78 23.04 -25.85
CA LYS B 264 7.26 24.39 -26.15
C LYS B 264 8.28 24.82 -25.08
N PRO B 265 9.46 25.34 -25.50
CA PRO B 265 10.44 25.80 -24.51
C PRO B 265 10.07 27.15 -23.89
N PRO B 266 10.83 27.62 -22.89
CA PRO B 266 10.63 28.98 -22.38
C PRO B 266 11.02 30.06 -23.39
N PRO B 267 10.52 31.30 -23.22
CA PRO B 267 10.85 32.39 -24.14
C PRO B 267 12.29 32.89 -24.00
#